data_6ZS5
#
_entry.id   6ZS5
#
_cell.length_a   1.00
_cell.length_b   1.00
_cell.length_c   1.00
_cell.angle_alpha   90.00
_cell.angle_beta   90.00
_cell.angle_gamma   90.00
#
_symmetry.space_group_name_H-M   'P 1'
#
loop_
_entity.id
_entity.type
_entity.pdbx_description
1 polymer Uromodulin
2 branched alpha-D-mannopyranose-(1-3)-[alpha-D-mannopyranose-(1-6)]beta-D-mannopyranose-(1-4)-2-acetamido-2-deoxy-beta-D-glucopyranose-(1-4)-2-acetamido-2-deoxy-beta-D-glucopyranose
3 branched 2-acetamido-2-deoxy-beta-D-glucopyranose-(1-4)-2-acetamido-2-deoxy-beta-D-glucopyranose
#
_entity_poly.entity_id   1
_entity_poly.type   'polypeptide(L)'
_entity_poly.pdbx_seq_one_letter_code
;MGQPSLTWMLMVVVASWFITTAATDTSEARWCSECHSNATCTEDEAVTTCTCQEGFTGDGLTCVDLDECAIPGAHNCSAN
SSCVNTPGSFSCVCPEGFRLSPGLGCTDVDECAEPGLSHCHALATCVNVVGSYLCVCPAGYRGDGWHCECSPGSCGPGLD
CVPEGDALVCADPCQAHRTLDEYWRSTEYGEGYACDTDLRGWYRFVGQGGARMAETCVPVLRCNTAAPMWLNGTHPSSDE
GIVSRKACAHWSGHCCLWDASVQVKACAGGYYVYNLTAPPECHLAYCTDPSSVEGTCEECSIDEDCKSNNGRWHCQCKQD
FNITDISLLEHRLECGANDMKVSLGKCQLKSLGFDKVFMYLSDSRCSGFNDRDNRDWVSVVTPARDGPCGTVLTRNETHA
TYSNTLYLADEIIIRDLNIKINFACSYPLDMKVSLKTALQPMVSALNIRVGGTGMFTVRMALFQTPSYTQPYQGSSVTLS
TEAFLYVGTMLDGGDLSRFALLMTNCYATPSSNATDPLKYFIIQDRCPHTRDSTIQVVENGESSQGRFSVQMFRFAGNYD
LVYLHCEVYLCDTMNEKCKPTCSGTRFRSGSVIDQSRVLNLGPITRKGVQATVSRAFSSLGLLKVWLPLLLSATLTLTFQ
;
_entity_poly.pdbx_strand_id   A,D
#
# COMPACT_ATOMS: atom_id res chain seq x y z
N LEU A 328 -12.82 -28.06 10.72
CA LEU A 328 -11.53 -28.70 10.94
C LEU A 328 -10.69 -28.69 9.68
N LEU A 329 -11.09 -27.88 8.70
CA LEU A 329 -10.39 -27.80 7.43
C LEU A 329 -9.48 -26.58 7.45
N GLU A 330 -8.18 -26.85 7.51
CA GLU A 330 -7.19 -25.79 7.69
C GLU A 330 -7.01 -25.04 6.38
N HIS A 331 -7.46 -23.80 6.36
CA HIS A 331 -7.28 -22.92 5.22
C HIS A 331 -6.04 -22.08 5.44
N ARG A 332 -5.76 -21.19 4.50
CA ARG A 332 -4.77 -20.14 4.69
C ARG A 332 -5.20 -18.92 3.89
N LEU A 333 -4.68 -17.76 4.27
CA LEU A 333 -4.94 -16.54 3.53
C LEU A 333 -3.64 -15.74 3.44
N GLU A 334 -3.40 -15.15 2.27
CA GLU A 334 -2.23 -14.31 2.07
C GLU A 334 -2.66 -13.06 1.31
N CYS A 335 -2.99 -12.01 2.05
CA CYS A 335 -3.43 -10.75 1.47
C CYS A 335 -2.19 -10.00 1.02
N GLY A 336 -1.70 -10.33 -0.18
CA GLY A 336 -0.48 -9.77 -0.69
C GLY A 336 -0.61 -8.32 -1.10
N ALA A 337 0.49 -7.78 -1.61
CA ALA A 337 0.52 -6.38 -2.01
C ALA A 337 -0.26 -6.14 -3.28
N ASN A 338 -0.32 -7.12 -4.17
CA ASN A 338 -1.04 -6.96 -5.42
C ASN A 338 -2.18 -7.95 -5.60
N ASP A 339 -2.20 -9.04 -4.84
CA ASP A 339 -3.12 -10.13 -5.12
C ASP A 339 -3.42 -10.91 -3.85
N MET A 340 -4.60 -11.50 -3.81
CA MET A 340 -5.06 -12.30 -2.69
C MET A 340 -4.97 -13.76 -3.05
N LYS A 341 -4.88 -14.62 -2.04
CA LYS A 341 -4.60 -16.03 -2.25
C LYS A 341 -5.23 -16.86 -1.15
N VAL A 342 -6.10 -17.78 -1.52
CA VAL A 342 -6.75 -18.70 -0.59
C VAL A 342 -6.33 -20.11 -0.98
N SER A 343 -5.84 -20.86 -0.01
CA SER A 343 -5.25 -22.16 -0.30
C SER A 343 -5.67 -23.19 0.73
N LEU A 344 -5.82 -24.44 0.27
CA LEU A 344 -6.21 -25.55 1.12
C LEU A 344 -5.28 -26.72 0.89
N GLY A 345 -5.13 -27.57 1.91
CA GLY A 345 -4.14 -28.62 1.88
C GLY A 345 -4.66 -29.93 1.31
N LYS A 346 -3.75 -30.89 1.20
CA LYS A 346 -4.12 -32.19 0.67
C LYS A 346 -4.47 -33.18 1.74
N CYS A 347 -5.00 -32.69 2.85
CA CYS A 347 -5.93 -33.49 3.63
C CYS A 347 -7.33 -33.42 3.06
N GLN A 348 -7.51 -32.66 1.97
CA GLN A 348 -8.75 -32.69 1.21
C GLN A 348 -9.03 -34.06 0.63
N LEU A 349 -7.97 -34.77 0.24
CA LEU A 349 -8.13 -36.12 -0.30
C LEU A 349 -8.56 -37.13 0.77
N LYS A 350 -8.28 -36.80 2.02
CA LYS A 350 -8.67 -37.64 3.17
C LYS A 350 -9.96 -37.16 3.86
N SER A 351 -10.31 -35.89 3.71
CA SER A 351 -11.51 -35.35 4.32
C SER A 351 -12.69 -35.40 3.34
N LEU A 352 -13.79 -36.00 3.79
CA LEU A 352 -15.07 -36.08 3.10
C LEU A 352 -15.01 -36.81 1.75
N GLY A 353 -13.92 -37.52 1.45
CA GLY A 353 -13.83 -38.31 0.23
C GLY A 353 -13.64 -37.52 -1.05
N PHE A 354 -12.99 -36.37 -1.00
CA PHE A 354 -12.81 -35.54 -2.18
C PHE A 354 -11.71 -36.16 -3.04
N ASP A 355 -12.13 -36.98 -4.02
CA ASP A 355 -11.18 -37.63 -4.90
C ASP A 355 -10.56 -36.65 -5.88
N LYS A 356 -11.38 -35.78 -6.46
CA LYS A 356 -10.90 -34.68 -7.28
C LYS A 356 -11.23 -33.38 -6.57
N VAL A 357 -10.61 -32.28 -7.02
CA VAL A 357 -10.84 -30.96 -6.44
C VAL A 357 -11.28 -30.03 -7.55
N PHE A 358 -12.52 -29.53 -7.44
CA PHE A 358 -12.99 -28.44 -8.27
C PHE A 358 -13.08 -27.18 -7.41
N MET A 359 -12.46 -26.10 -7.87
CA MET A 359 -12.43 -24.87 -7.09
C MET A 359 -12.77 -23.71 -8.00
N TYR A 360 -13.76 -22.92 -7.62
CA TYR A 360 -14.27 -21.85 -8.46
C TYR A 360 -14.40 -20.59 -7.64
N LEU A 361 -14.43 -19.47 -8.34
CA LEU A 361 -14.70 -18.16 -7.77
C LEU A 361 -16.06 -17.68 -8.24
N SER A 362 -16.37 -16.41 -7.96
CA SER A 362 -17.62 -15.82 -8.42
C SER A 362 -17.67 -15.69 -9.93
N ASP A 363 -16.51 -15.51 -10.57
CA ASP A 363 -16.42 -15.61 -12.01
C ASP A 363 -15.87 -16.98 -12.33
N SER A 364 -16.58 -17.71 -13.19
CA SER A 364 -16.23 -19.10 -13.46
C SER A 364 -14.92 -19.25 -14.22
N ARG A 365 -14.45 -18.20 -14.89
CA ARG A 365 -13.20 -18.30 -15.63
C ARG A 365 -11.97 -18.35 -14.74
N CYS A 366 -12.08 -17.97 -13.48
CA CYS A 366 -11.00 -18.09 -12.52
C CYS A 366 -11.13 -19.44 -11.84
N SER A 367 -10.07 -20.25 -11.89
CA SER A 367 -10.11 -21.60 -11.34
C SER A 367 -8.80 -21.90 -10.63
N GLY A 368 -8.76 -23.07 -9.99
CA GLY A 368 -7.66 -23.42 -9.13
C GLY A 368 -6.50 -24.05 -9.86
N PHE A 369 -5.43 -24.27 -9.11
CA PHE A 369 -4.24 -24.96 -9.60
C PHE A 369 -3.53 -25.63 -8.42
N ASN A 370 -2.40 -26.24 -8.69
CA ASN A 370 -1.69 -27.01 -7.69
C ASN A 370 -0.44 -26.27 -7.20
N ASP A 371 -0.13 -26.43 -5.92
CA ASP A 371 0.93 -25.68 -5.25
C ASP A 371 1.72 -26.62 -4.37
N ARG A 372 2.99 -26.84 -4.68
CA ARG A 372 3.84 -27.77 -3.96
C ARG A 372 5.13 -27.12 -3.48
N ASP A 373 5.07 -25.84 -3.08
CA ASP A 373 6.31 -25.13 -2.76
C ASP A 373 6.84 -25.49 -1.37
N ASN A 374 5.97 -25.50 -0.37
CA ASN A 374 6.35 -25.90 0.98
C ASN A 374 5.69 -27.20 1.41
N ARG A 375 4.37 -27.29 1.33
CA ARG A 375 3.64 -28.54 1.47
C ARG A 375 2.81 -28.70 0.21
N ASP A 376 1.90 -29.67 0.23
CA ASP A 376 0.98 -29.86 -0.87
C ASP A 376 -0.25 -29.00 -0.63
N TRP A 377 -0.46 -28.00 -1.49
CA TRP A 377 -1.58 -27.08 -1.36
C TRP A 377 -2.33 -26.97 -2.68
N VAL A 378 -3.61 -26.61 -2.62
CA VAL A 378 -4.43 -26.32 -3.79
C VAL A 378 -5.00 -24.92 -3.59
N SER A 379 -4.75 -24.03 -4.54
CA SER A 379 -5.01 -22.61 -4.31
C SER A 379 -5.70 -21.96 -5.50
N VAL A 380 -6.23 -20.75 -5.27
CA VAL A 380 -6.72 -19.85 -6.31
C VAL A 380 -6.02 -18.51 -6.15
N VAL A 381 -6.05 -17.70 -7.21
CA VAL A 381 -5.35 -16.43 -7.24
C VAL A 381 -6.30 -15.37 -7.79
N THR A 382 -6.47 -14.28 -7.05
CA THR A 382 -7.26 -13.14 -7.50
C THR A 382 -6.48 -11.83 -7.32
N PRO A 383 -6.58 -10.92 -8.28
CA PRO A 383 -6.02 -9.59 -8.07
C PRO A 383 -6.90 -8.79 -7.11
N ALA A 384 -6.30 -7.82 -6.45
CA ALA A 384 -7.03 -6.99 -5.48
C ALA A 384 -7.46 -5.68 -6.13
N ARG A 385 -8.37 -5.81 -7.10
CA ARG A 385 -8.92 -4.66 -7.78
C ARG A 385 -10.42 -4.85 -7.92
N ASP A 386 -11.07 -3.93 -8.63
CA ASP A 386 -12.50 -3.97 -8.82
C ASP A 386 -12.85 -4.73 -10.10
N GLY A 387 -13.31 -5.98 -9.94
CA GLY A 387 -13.75 -6.78 -11.06
C GLY A 387 -12.79 -7.60 -11.93
N PRO A 388 -11.62 -8.07 -11.46
CA PRO A 388 -10.98 -9.16 -12.22
C PRO A 388 -11.72 -10.48 -12.16
N CYS A 389 -11.93 -11.03 -10.97
CA CYS A 389 -12.66 -12.28 -10.81
C CYS A 389 -13.96 -12.01 -10.06
N GLY A 390 -14.55 -10.85 -10.28
CA GLY A 390 -15.77 -10.50 -9.59
C GLY A 390 -15.61 -10.11 -8.13
N THR A 391 -14.42 -9.65 -7.73
CA THR A 391 -14.26 -9.13 -6.38
C THR A 391 -14.77 -7.70 -6.31
N VAL A 392 -15.32 -7.34 -5.16
CA VAL A 392 -15.96 -6.05 -4.95
C VAL A 392 -15.16 -5.26 -3.93
N LEU A 393 -15.25 -3.93 -3.99
CA LEU A 393 -14.62 -3.04 -3.01
C LEU A 393 -15.66 -2.50 -2.05
N THR A 394 -15.60 -2.96 -0.81
CA THR A 394 -16.36 -2.37 0.28
C THR A 394 -15.39 -1.53 1.10
N ARG A 395 -15.63 -0.23 1.14
CA ARG A 395 -14.64 0.71 1.65
C ARG A 395 -15.17 1.45 2.88
N ASN A 396 -14.31 1.63 3.88
CA ASN A 396 -14.59 2.45 5.03
C ASN A 396 -13.82 3.76 4.90
N GLU A 397 -13.84 4.58 5.95
CA GLU A 397 -13.04 5.79 5.97
C GLU A 397 -11.62 5.52 6.44
N THR A 398 -11.41 4.39 7.11
CA THR A 398 -10.11 4.00 7.61
C THR A 398 -9.51 2.78 6.94
N HIS A 399 -10.33 1.91 6.36
CA HIS A 399 -9.85 0.69 5.72
C HIS A 399 -10.49 0.52 4.36
N ALA A 400 -9.92 -0.38 3.56
CA ALA A 400 -10.48 -0.77 2.27
C ALA A 400 -10.45 -2.28 2.18
N THR A 401 -11.61 -2.90 1.99
CA THR A 401 -11.75 -4.34 2.09
C THR A 401 -12.30 -4.91 0.80
N TYR A 402 -11.58 -5.88 0.24
CA TYR A 402 -12.00 -6.63 -0.93
C TYR A 402 -12.51 -7.98 -0.49
N SER A 403 -13.38 -8.59 -1.31
CA SER A 403 -13.96 -9.88 -0.96
C SER A 403 -14.39 -10.63 -2.20
N ASN A 404 -14.26 -11.95 -2.14
CA ASN A 404 -14.84 -12.86 -3.13
C ASN A 404 -15.28 -14.11 -2.37
N THR A 405 -15.93 -15.03 -3.07
CA THR A 405 -16.45 -16.23 -2.47
C THR A 405 -16.00 -17.44 -3.26
N LEU A 406 -15.47 -18.43 -2.57
CA LEU A 406 -14.89 -19.60 -3.19
C LEU A 406 -15.88 -20.76 -3.10
N TYR A 407 -15.85 -21.65 -4.07
CA TYR A 407 -16.77 -22.78 -4.13
C TYR A 407 -15.97 -24.08 -4.21
N LEU A 408 -16.51 -25.15 -3.64
CA LEU A 408 -15.82 -26.42 -3.57
C LEU A 408 -16.80 -27.56 -3.85
N ALA A 409 -16.29 -28.61 -4.48
CA ALA A 409 -17.05 -29.80 -4.82
C ALA A 409 -16.09 -30.91 -5.18
N ASP A 410 -16.57 -32.15 -5.15
CA ASP A 410 -15.78 -33.30 -5.59
C ASP A 410 -16.23 -33.84 -6.95
N GLU A 411 -17.18 -33.16 -7.59
CA GLU A 411 -17.72 -33.59 -8.87
C GLU A 411 -18.28 -32.34 -9.53
N ILE A 412 -18.64 -32.46 -10.81
CA ILE A 412 -19.08 -31.28 -11.55
C ILE A 412 -20.43 -30.77 -11.05
N ILE A 413 -21.27 -31.70 -10.57
CA ILE A 413 -22.59 -31.34 -10.07
C ILE A 413 -22.72 -31.62 -8.56
N ILE A 414 -23.22 -30.65 -7.82
CA ILE A 414 -23.37 -30.79 -6.38
C ILE A 414 -24.72 -31.42 -6.09
N ARG A 415 -24.73 -32.45 -5.25
CA ARG A 415 -25.98 -33.13 -4.92
C ARG A 415 -26.33 -33.13 -3.44
N ASP A 416 -25.37 -32.95 -2.54
CA ASP A 416 -25.69 -33.02 -1.12
C ASP A 416 -25.14 -31.89 -0.27
N LEU A 417 -24.17 -31.11 -0.74
CA LEU A 417 -23.61 -30.04 0.08
C LEU A 417 -22.99 -28.94 -0.78
N ASN A 418 -23.60 -27.75 -0.76
CA ASN A 418 -23.11 -26.59 -1.49
C ASN A 418 -22.07 -25.89 -0.63
N ILE A 419 -20.85 -26.41 -0.65
CA ILE A 419 -19.78 -25.93 0.23
C ILE A 419 -19.24 -24.62 -0.34
N LYS A 420 -19.03 -23.63 0.53
CA LYS A 420 -18.39 -22.40 0.12
C LYS A 420 -17.61 -21.80 1.27
N ILE A 421 -16.61 -20.96 0.91
CA ILE A 421 -15.70 -20.34 1.85
C ILE A 421 -15.62 -18.86 1.51
N ASN A 422 -16.16 -18.01 2.40
CA ASN A 422 -16.20 -16.57 2.17
C ASN A 422 -14.95 -15.93 2.77
N PHE A 423 -14.26 -15.10 1.99
CA PHE A 423 -13.04 -14.49 2.47
C PHE A 423 -13.07 -12.99 2.23
N ALA A 424 -12.15 -12.29 2.90
CA ALA A 424 -12.01 -10.85 2.80
C ALA A 424 -10.63 -10.43 3.30
N CYS A 425 -10.04 -9.47 2.61
CA CYS A 425 -8.78 -8.86 3.03
C CYS A 425 -8.96 -7.36 3.12
N SER A 426 -8.56 -6.77 4.23
CA SER A 426 -8.73 -5.35 4.48
C SER A 426 -7.40 -4.63 4.32
N TYR A 427 -7.45 -3.38 3.86
CA TYR A 427 -6.26 -2.59 3.60
C TYR A 427 -6.40 -1.20 4.23
N PRO A 428 -5.44 -0.77 5.04
CA PRO A 428 -5.54 0.57 5.63
C PRO A 428 -5.13 1.65 4.64
N LEU A 429 -5.61 2.86 4.91
CA LEU A 429 -5.42 3.99 4.00
C LEU A 429 -4.52 5.06 4.57
N ASP A 430 -3.82 4.78 5.67
CA ASP A 430 -3.02 5.79 6.35
C ASP A 430 -1.62 5.20 6.53
N MET A 431 -0.66 5.70 5.76
CA MET A 431 0.67 5.12 5.74
C MET A 431 1.67 6.02 6.46
N LYS A 432 2.77 5.42 6.87
CA LYS A 432 3.88 6.13 7.50
C LYS A 432 5.16 5.73 6.77
N VAL A 433 5.55 6.53 5.78
CA VAL A 433 6.72 6.28 4.96
C VAL A 433 7.81 7.26 5.34
N SER A 434 9.03 6.75 5.47
CA SER A 434 10.16 7.57 5.86
C SER A 434 11.33 7.31 4.93
N LEU A 435 12.04 8.38 4.58
CA LEU A 435 13.19 8.28 3.70
C LEU A 435 14.35 7.65 4.46
N LYS A 436 14.87 6.55 3.94
CA LYS A 436 15.82 5.73 4.68
C LYS A 436 17.22 6.34 4.71
N THR A 437 17.56 7.20 3.76
CA THR A 437 18.88 7.82 3.71
C THR A 437 18.87 9.12 4.49
N ALA A 438 20.06 9.54 4.89
CA ALA A 438 20.22 10.73 5.73
C ALA A 438 21.05 11.77 5.01
N LEU A 439 21.06 12.97 5.56
CA LEU A 439 21.73 14.11 4.95
C LEU A 439 22.87 14.59 5.84
N GLN A 440 23.69 15.48 5.28
CA GLN A 440 24.77 16.14 6.00
C GLN A 440 25.05 17.45 5.30
N PRO A 441 24.62 18.58 5.84
CA PRO A 441 24.86 19.86 5.19
C PRO A 441 26.14 20.53 5.68
N MET A 442 26.69 21.41 4.82
CA MET A 442 27.87 22.20 5.13
C MET A 442 27.49 23.67 5.07
N VAL A 443 27.45 24.33 6.22
CA VAL A 443 27.10 25.73 6.30
C VAL A 443 28.33 26.62 6.13
N SER B 444 -28.45 -27.90 1.12
CA SER B 444 -27.96 -27.17 2.27
C SER B 444 -26.70 -26.41 1.92
N ALA B 445 -26.08 -25.77 2.91
CA ALA B 445 -24.85 -25.03 2.70
C ALA B 445 -24.10 -24.92 4.02
N LEU B 446 -22.77 -25.09 3.96
CA LEU B 446 -21.90 -24.98 5.14
C LEU B 446 -20.90 -23.88 4.87
N ASN B 447 -21.11 -22.72 5.50
CA ASN B 447 -20.39 -21.50 5.16
C ASN B 447 -19.26 -21.27 6.16
N ILE B 448 -18.08 -20.95 5.65
CA ILE B 448 -16.94 -20.56 6.45
C ILE B 448 -16.59 -19.12 6.10
N ARG B 449 -16.34 -18.30 7.12
CA ARG B 449 -15.98 -16.91 6.94
C ARG B 449 -14.62 -16.67 7.58
N VAL B 450 -13.64 -16.30 6.76
CA VAL B 450 -12.27 -16.09 7.24
C VAL B 450 -11.92 -14.62 7.06
N GLY B 451 -10.75 -14.24 7.56
CA GLY B 451 -10.33 -12.85 7.46
C GLY B 451 -8.83 -12.72 7.43
N GLY B 452 -8.37 -11.55 7.02
CA GLY B 452 -6.96 -11.26 6.97
C GLY B 452 -6.75 -9.82 6.54
N THR B 453 -5.49 -9.43 6.41
CA THR B 453 -5.14 -8.08 6.00
C THR B 453 -3.73 -8.03 5.43
N GLY B 454 -3.45 -6.91 4.78
CA GLY B 454 -2.16 -6.67 4.18
C GLY B 454 -2.00 -5.17 3.97
N MET B 455 -0.90 -4.80 3.33
CA MET B 455 -0.60 -3.38 3.17
C MET B 455 -0.10 -3.12 1.76
N PHE B 456 -0.31 -1.89 1.30
CA PHE B 456 0.25 -1.44 0.03
C PHE B 456 1.67 -0.97 0.29
N THR B 457 2.60 -1.35 -0.59
CA THR B 457 3.95 -0.83 -0.44
C THR B 457 4.02 0.59 -1.00
N VAL B 458 4.74 1.45 -0.28
CA VAL B 458 4.84 2.86 -0.60
C VAL B 458 6.25 3.33 -0.24
N ARG B 459 6.86 4.13 -1.12
CA ARG B 459 8.25 4.50 -0.97
C ARG B 459 8.45 5.98 -1.28
N MET B 460 9.60 6.50 -0.84
CA MET B 460 9.98 7.90 -0.98
C MET B 460 11.44 7.97 -1.39
N ALA B 461 11.79 8.92 -2.27
CA ALA B 461 13.16 9.03 -2.74
C ALA B 461 13.47 10.46 -3.12
N LEU B 462 14.77 10.76 -3.18
CA LEU B 462 15.30 12.09 -3.49
C LEU B 462 15.70 12.18 -4.96
N PHE B 463 15.82 13.41 -5.47
CA PHE B 463 16.15 13.62 -6.87
C PHE B 463 17.03 14.86 -7.02
N GLN B 464 17.59 15.06 -8.22
CA GLN B 464 18.71 15.98 -8.39
C GLN B 464 18.63 16.73 -9.72
N THR B 465 17.44 16.99 -10.21
CA THR B 465 17.25 17.70 -11.48
C THR B 465 16.05 18.64 -11.41
N PRO B 466 15.83 19.45 -12.44
CA PRO B 466 14.50 20.03 -12.64
C PRO B 466 13.38 19.02 -12.60
N SER B 467 13.38 18.03 -13.48
CA SER B 467 12.23 17.15 -13.70
C SER B 467 12.45 15.77 -13.09
N TYR B 468 13.27 15.70 -12.03
CA TYR B 468 13.44 14.51 -11.17
C TYR B 468 14.07 13.36 -11.96
N THR B 469 15.13 13.67 -12.70
CA THR B 469 15.71 12.69 -13.63
C THR B 469 16.45 11.59 -12.89
N GLN B 470 17.49 11.99 -12.10
CA GLN B 470 18.49 11.14 -11.46
C GLN B 470 18.17 10.96 -9.99
N PRO B 471 17.51 9.89 -9.59
CA PRO B 471 17.25 9.68 -8.17
C PRO B 471 18.51 9.25 -7.44
N TYR B 472 18.50 9.43 -6.12
CA TYR B 472 19.67 9.17 -5.31
C TYR B 472 19.57 7.77 -4.75
N GLN B 473 20.72 7.08 -4.68
CA GLN B 473 20.77 5.71 -4.18
C GLN B 473 21.72 5.55 -3.01
N GLY B 474 22.66 6.46 -2.81
CA GLY B 474 23.62 6.37 -1.72
C GLY B 474 22.98 6.47 -0.35
N SER B 475 23.77 6.12 0.66
CA SER B 475 23.26 5.99 2.01
C SER B 475 23.48 7.23 2.86
N SER B 476 24.34 8.14 2.44
CA SER B 476 24.57 9.40 3.15
C SER B 476 24.95 10.46 2.15
N VAL B 477 24.22 11.56 2.18
CA VAL B 477 24.29 12.57 1.14
C VAL B 477 24.96 13.80 1.72
N THR B 478 25.96 14.33 1.02
CA THR B 478 26.65 15.53 1.46
C THR B 478 26.47 16.62 0.41
N LEU B 479 25.67 17.62 0.74
CA LEU B 479 25.35 18.73 -0.14
C LEU B 479 25.30 20.00 0.70
N SER B 480 25.83 21.10 0.18
CA SER B 480 25.88 22.33 0.95
C SER B 480 24.50 22.97 0.98
N THR B 481 24.32 23.97 1.86
CA THR B 481 23.02 24.63 1.98
C THR B 481 22.76 25.65 0.89
N GLU B 482 23.52 25.64 -0.20
CA GLU B 482 23.11 26.29 -1.42
C GLU B 482 22.43 25.34 -2.38
N ALA B 483 22.29 24.07 -2.03
CA ALA B 483 21.67 23.12 -2.95
C ALA B 483 20.27 22.75 -2.51
N PHE B 484 19.38 22.58 -3.47
CA PHE B 484 17.97 22.32 -3.24
C PHE B 484 17.73 20.84 -2.97
N LEU B 485 16.60 20.54 -2.34
CA LEU B 485 16.20 19.16 -2.04
C LEU B 485 14.92 18.83 -2.79
N TYR B 486 15.03 18.26 -3.98
CA TYR B 486 13.88 17.84 -4.77
C TYR B 486 13.51 16.42 -4.38
N VAL B 487 12.31 16.24 -3.81
CA VAL B 487 11.91 15.00 -3.18
C VAL B 487 10.57 14.56 -3.75
N GLY B 488 10.48 13.29 -4.13
CA GLY B 488 9.22 12.71 -4.58
C GLY B 488 8.88 11.43 -3.85
N THR B 489 7.58 11.19 -3.73
CA THR B 489 7.06 9.95 -3.16
C THR B 489 6.51 9.08 -4.28
N MET B 490 6.19 7.84 -3.95
CA MET B 490 5.66 6.93 -4.95
C MET B 490 4.80 5.85 -4.31
N LEU B 491 3.73 5.51 -5.02
CA LEU B 491 2.85 4.40 -4.65
C LEU B 491 3.21 3.21 -5.52
N ASP B 492 3.70 2.14 -4.91
CA ASP B 492 4.22 1.00 -5.65
C ASP B 492 3.41 -0.26 -5.48
N GLY B 493 2.47 -0.29 -4.54
CA GLY B 493 1.70 -1.49 -4.26
C GLY B 493 0.77 -1.93 -5.36
N GLY B 494 -0.28 -1.17 -5.61
CA GLY B 494 -1.29 -1.57 -6.56
C GLY B 494 -2.56 -0.78 -6.36
N ASP B 495 -3.59 -1.19 -7.12
CA ASP B 495 -4.87 -0.48 -7.24
C ASP B 495 -4.63 0.98 -7.62
N LEU B 496 -3.74 1.20 -8.58
CA LEU B 496 -3.35 2.55 -8.96
C LEU B 496 -4.42 3.25 -9.77
N SER B 497 -5.42 2.51 -10.25
CA SER B 497 -6.50 3.09 -11.03
C SER B 497 -7.45 3.91 -10.18
N ARG B 498 -7.57 3.61 -8.89
CA ARG B 498 -8.62 4.18 -8.07
C ARG B 498 -8.13 5.17 -7.03
N PHE B 499 -6.99 4.92 -6.39
CA PHE B 499 -6.54 5.72 -5.27
C PHE B 499 -5.54 6.78 -5.72
N ALA B 500 -5.75 8.01 -5.27
CA ALA B 500 -4.81 9.09 -5.47
C ALA B 500 -3.96 9.25 -4.22
N LEU B 501 -2.72 9.62 -4.42
CA LEU B 501 -1.73 9.70 -3.36
C LEU B 501 -1.66 11.14 -2.86
N LEU B 502 -2.11 11.37 -1.63
CA LEU B 502 -2.14 12.70 -1.05
C LEU B 502 -1.12 12.78 0.08
N MET B 503 -0.20 13.73 -0.02
CA MET B 503 0.71 14.02 1.06
C MET B 503 -0.02 14.85 2.10
N THR B 504 0.20 14.54 3.38
CA THR B 504 -0.53 15.25 4.44
C THR B 504 0.35 15.84 5.53
N ASN B 505 1.52 15.27 5.79
CA ASN B 505 2.38 15.75 6.88
C ASN B 505 3.81 15.37 6.53
N CYS B 506 4.58 16.28 5.98
CA CYS B 506 5.96 16.00 5.62
C CYS B 506 6.87 16.93 6.41
N TYR B 507 7.72 16.33 7.24
CA TYR B 507 8.53 17.09 8.17
C TYR B 507 9.90 16.47 8.27
N ALA B 508 10.88 17.27 8.68
CA ALA B 508 12.23 16.82 8.93
C ALA B 508 12.53 16.91 10.41
N THR B 509 13.35 15.99 10.89
CA THR B 509 13.71 15.90 12.30
C THR B 509 15.19 15.56 12.43
N PRO B 510 15.85 16.07 13.47
CA PRO B 510 17.28 15.80 13.63
C PRO B 510 17.61 14.41 14.14
N SER B 511 16.66 13.49 14.25
CA SER B 511 16.98 12.13 14.66
C SER B 511 16.20 11.15 13.82
N SER B 512 16.75 9.94 13.66
CA SER B 512 16.14 8.93 12.80
C SER B 512 14.85 8.40 13.39
N ASN B 513 14.71 8.42 14.71
CA ASN B 513 13.50 7.99 15.39
C ASN B 513 12.39 8.96 15.05
N ALA B 514 11.27 8.45 14.55
CA ALA B 514 10.24 9.28 13.93
C ALA B 514 9.48 10.15 14.94
N THR B 515 9.55 9.81 16.22
CA THR B 515 8.79 10.50 17.24
C THR B 515 9.62 11.50 18.02
N ASP B 516 10.59 12.15 17.39
CA ASP B 516 11.36 13.17 18.09
C ASP B 516 10.54 14.45 18.20
N PRO B 517 10.64 15.16 19.33
CA PRO B 517 9.83 16.37 19.49
C PRO B 517 10.29 17.54 18.63
N LEU B 518 11.47 17.48 18.04
CA LEU B 518 11.97 18.58 17.20
C LEU B 518 11.63 18.29 15.76
N LYS B 519 10.68 19.05 15.20
CA LYS B 519 10.23 18.86 13.84
C LYS B 519 10.22 20.20 13.11
N TYR B 520 10.83 20.24 11.94
CA TYR B 520 10.72 21.39 11.05
C TYR B 520 9.75 21.01 9.94
N PHE B 521 8.61 21.68 9.89
CA PHE B 521 7.52 21.25 9.04
C PHE B 521 7.62 21.85 7.63
N ILE B 522 7.23 21.05 6.64
CA ILE B 522 7.17 21.48 5.26
C ILE B 522 5.74 21.49 4.74
N ILE B 523 5.02 20.39 4.93
CA ILE B 523 3.58 20.32 4.70
C ILE B 523 2.95 19.99 6.04
N GLN B 524 2.12 20.88 6.56
CA GLN B 524 1.60 20.64 7.90
C GLN B 524 0.20 20.02 7.89
N ASP B 525 -0.78 20.68 7.30
CA ASP B 525 -2.11 20.11 7.15
C ASP B 525 -2.52 20.25 5.69
N ARG B 526 -2.05 19.33 4.86
CA ARG B 526 -2.41 19.17 3.46
C ARG B 526 -2.10 20.40 2.61
N CYS B 527 -1.20 21.27 3.09
CA CYS B 527 -0.96 22.55 2.45
C CYS B 527 0.48 22.96 2.65
N PRO B 528 1.08 23.69 1.71
CA PRO B 528 2.47 24.11 1.86
C PRO B 528 2.64 25.11 2.98
N HIS B 529 3.77 25.01 3.68
CA HIS B 529 4.11 25.98 4.70
C HIS B 529 4.63 27.24 4.02
N THR B 530 3.99 28.36 4.30
CA THR B 530 4.23 29.58 3.55
C THR B 530 5.25 30.49 4.20
N ARG B 531 5.84 30.08 5.32
CA ARG B 531 6.81 30.95 6.00
C ARG B 531 8.14 30.99 5.26
N ASP B 532 8.70 29.82 4.94
CA ASP B 532 9.90 29.75 4.13
C ASP B 532 9.52 30.15 2.72
N SER B 533 10.24 31.13 2.16
CA SER B 533 9.87 31.67 0.86
C SER B 533 10.44 30.88 -0.30
N THR B 534 10.94 29.67 -0.06
CA THR B 534 11.55 28.87 -1.10
C THR B 534 10.87 27.53 -1.31
N ILE B 535 9.92 27.17 -0.45
CA ILE B 535 9.19 25.92 -0.63
C ILE B 535 8.28 26.05 -1.84
N GLN B 536 8.21 24.99 -2.64
CA GLN B 536 7.38 24.96 -3.83
C GLN B 536 6.87 23.54 -4.03
N VAL B 537 5.56 23.39 -4.07
CA VAL B 537 4.92 22.09 -4.27
C VAL B 537 4.28 22.09 -5.65
N VAL B 538 4.64 21.12 -6.47
CA VAL B 538 4.17 21.06 -7.85
C VAL B 538 2.98 20.14 -8.00
N GLU B 539 3.08 18.90 -7.54
CA GLU B 539 1.97 17.96 -7.65
C GLU B 539 1.73 17.29 -6.30
N ASN B 540 0.47 17.28 -5.86
CA ASN B 540 0.06 16.56 -4.66
C ASN B 540 -1.40 16.21 -4.76
N GLY B 541 -1.73 14.93 -4.70
CA GLY B 541 -3.09 14.46 -4.69
C GLY B 541 -3.70 14.17 -6.06
N GLU B 542 -2.90 14.10 -7.11
CA GLU B 542 -3.45 13.96 -8.45
C GLU B 542 -3.04 12.68 -9.15
N SER B 543 -2.02 11.98 -8.67
CA SER B 543 -1.50 10.82 -9.38
C SER B 543 -0.91 9.86 -8.37
N SER B 544 -0.07 8.95 -8.85
CA SER B 544 0.60 7.98 -7.99
C SER B 544 1.90 8.48 -7.39
N GLN B 545 2.16 9.79 -7.43
CA GLN B 545 3.41 10.34 -6.92
C GLN B 545 3.20 11.77 -6.45
N GLY B 546 3.70 12.06 -5.25
CA GLY B 546 3.72 13.42 -4.72
C GLY B 546 5.12 13.97 -4.73
N ARG B 547 5.26 15.22 -5.18
CA ARG B 547 6.56 15.83 -5.43
C ARG B 547 6.59 17.23 -4.83
N PHE B 548 7.74 17.66 -4.33
CA PHE B 548 7.88 19.00 -3.78
C PHE B 548 9.35 19.42 -3.85
N SER B 549 9.64 20.60 -3.30
CA SER B 549 10.98 21.19 -3.42
C SER B 549 11.17 22.25 -2.34
N VAL B 550 12.26 22.15 -1.57
CA VAL B 550 12.65 23.15 -0.57
C VAL B 550 14.13 23.48 -0.76
N GLN B 551 14.63 24.40 0.05
CA GLN B 551 16.07 24.61 0.13
C GLN B 551 16.61 23.97 1.40
N MET B 552 17.92 23.77 1.43
CA MET B 552 18.54 22.99 2.50
C MET B 552 18.68 23.83 3.76
N PHE B 553 18.78 23.15 4.91
CA PHE B 553 18.90 23.76 6.21
C PHE B 553 19.83 22.93 7.08
N ARG B 554 20.16 23.45 8.25
CA ARG B 554 20.76 22.68 9.34
C ARG B 554 20.24 23.19 10.67
N PHE B 555 19.86 22.26 11.53
CA PHE B 555 19.21 22.59 12.79
C PHE B 555 20.16 23.30 13.73
N ALA B 556 19.66 24.30 14.45
CA ALA B 556 20.49 25.04 15.38
C ALA B 556 20.82 24.18 16.59
N GLY B 557 22.05 24.31 17.04
CA GLY B 557 22.52 23.55 18.18
C GLY B 557 23.42 22.42 17.76
N ASN B 558 23.71 21.54 18.73
CA ASN B 558 24.62 20.43 18.53
C ASN B 558 23.88 19.27 17.85
N TYR B 559 23.72 19.41 16.53
CA TYR B 559 23.16 18.37 15.69
C TYR B 559 23.84 18.39 14.33
N ASP B 560 24.10 17.22 13.76
CA ASP B 560 24.72 17.15 12.46
C ASP B 560 24.00 16.29 11.43
N LEU B 561 22.91 15.63 11.80
CA LEU B 561 22.20 14.77 10.88
C LEU B 561 20.78 15.27 10.70
N VAL B 562 20.22 15.01 9.51
CA VAL B 562 18.87 15.42 9.15
C VAL B 562 18.17 14.21 8.52
N TYR B 563 17.00 13.85 9.05
CA TYR B 563 16.19 12.78 8.50
C TYR B 563 14.86 13.35 8.02
N LEU B 564 14.26 12.70 7.03
CA LEU B 564 13.00 13.14 6.46
C LEU B 564 11.91 12.11 6.73
N HIS B 565 10.69 12.58 7.01
CA HIS B 565 9.56 11.72 7.30
C HIS B 565 8.30 12.30 6.66
N CYS B 566 7.37 11.43 6.28
CA CYS B 566 6.11 11.85 5.69
C CYS B 566 4.98 10.93 6.12
N GLU B 567 3.77 11.49 6.17
CA GLU B 567 2.56 10.69 6.32
C GLU B 567 1.76 10.77 5.03
N VAL B 568 0.96 9.75 4.77
CA VAL B 568 0.33 9.52 3.48
C VAL B 568 -1.12 9.14 3.69
N TYR B 569 -2.02 9.83 3.00
CA TYR B 569 -3.44 9.48 2.95
C TYR B 569 -3.82 9.15 1.51
N LEU B 570 -4.59 8.09 1.34
CA LEU B 570 -4.99 7.60 0.01
C LEU B 570 -6.42 8.05 -0.26
N CYS B 571 -6.57 9.09 -1.07
CA CYS B 571 -7.89 9.64 -1.35
C CYS B 571 -8.45 9.06 -2.64
N ASP B 572 -9.77 8.89 -2.67
CA ASP B 572 -10.45 8.25 -3.80
C ASP B 572 -10.63 9.27 -4.91
N THR B 573 -10.28 8.89 -6.14
CA THR B 573 -10.50 9.77 -7.27
C THR B 573 -11.96 9.87 -7.69
N MET B 574 -12.78 8.88 -7.36
CA MET B 574 -14.16 8.86 -7.83
C MET B 574 -15.17 9.31 -6.79
N ASN B 575 -14.79 9.35 -5.53
CA ASN B 575 -15.74 9.67 -4.47
C ASN B 575 -15.57 11.08 -3.93
N GLU B 576 -14.33 11.56 -3.81
CA GLU B 576 -14.04 12.77 -3.06
C GLU B 576 -13.01 13.62 -3.82
N LYS B 577 -13.17 14.94 -3.74
CA LYS B 577 -12.18 15.87 -4.28
C LYS B 577 -10.85 15.70 -3.55
N CYS B 578 -9.78 15.51 -4.31
CA CYS B 578 -8.46 15.28 -3.73
C CYS B 578 -7.39 16.37 -3.87
N LYS B 579 -7.55 17.31 -4.80
CA LYS B 579 -6.54 18.35 -4.96
C LYS B 579 -6.68 19.39 -3.85
N PRO B 580 -5.53 19.81 -3.33
CA PRO B 580 -5.39 20.82 -2.30
C PRO B 580 -5.87 22.17 -2.79
N THR B 581 -6.58 22.79 -1.86
CA THR B 581 -7.21 24.05 -1.96
C THR B 581 -6.52 24.78 -0.86
N CYS B 582 -5.63 25.70 -1.19
CA CYS B 582 -4.98 26.43 -0.12
C CYS B 582 -4.70 27.88 -0.48
N SER B 583 -5.10 28.79 0.39
CA SER B 583 -4.74 30.18 0.19
C SER B 583 -4.52 30.91 1.43
N GLY B 584 -3.39 31.59 1.54
CA GLY B 584 -3.11 32.47 2.67
C GLY B 584 -1.98 32.02 3.58
#